data_8T0J
#
_entry.id   8T0J
#
_cell.length_a   82.551
_cell.length_b   85.646
_cell.length_c   111.910
_cell.angle_alpha   90.000
_cell.angle_beta   90.000
_cell.angle_gamma   90.000
#
_symmetry.space_group_name_H-M   'I 2 2 2'
#
loop_
_entity.id
_entity.type
_entity.pdbx_description
1 polymer 'Probable 4-deoxy-4-formamido-L-arabinose-phosphoundecaprenol deformylase ArnD'
2 water water
#
_entity_poly.entity_id   1
_entity_poly.type   'polypeptide(L)'
_entity_poly.pdbx_seq_one_letter_code
;MTKVGLRIDVDTLRGTREGVPRLLATLHRHGVQASFFFSVGPDNMGRHLWRLIKPRFLWKMLRSNAASLYGWAALLAGTA
WPGKNIGNANAGIIRETATYHETGLHAWDHHAWQTHSGHWSIRQLEEDIARGITALEAIIGKPVTCSAAAGWRADGRVVR
AKESFNLRYNSDCRGTTLFRPLLMPGQTGTPQIPVTLPTWDEVAGPAVQAQSFNTWIISRMLQDKGTPVYTIHAEVEGIV
HQPLFEDLLVRARDAGITFCPLGELLPASPESLPLGQIVRGHIPGREGWLGCQQAVSAS
;
_entity_poly.pdbx_strand_id   A
#
# COMPACT_ATOMS: atom_id res chain seq x y z
N MET A 1 -1.63 22.73 10.39
CA MET A 1 -2.18 21.64 9.58
C MET A 1 -1.09 20.65 9.15
N THR A 2 -1.42 19.36 9.18
CA THR A 2 -0.45 18.27 9.02
C THR A 2 -0.92 17.35 7.91
N LYS A 3 -0.06 17.16 6.90
CA LYS A 3 -0.35 16.27 5.78
C LYS A 3 -0.07 14.83 6.18
N VAL A 4 -1.08 13.97 6.11
CA VAL A 4 -0.88 12.54 6.32
C VAL A 4 -1.24 11.84 5.03
N GLY A 5 -0.28 11.09 4.49
CA GLY A 5 -0.58 10.26 3.35
C GLY A 5 -1.54 9.15 3.73
N LEU A 6 -2.54 8.94 2.88
CA LEU A 6 -3.52 7.88 3.07
C LEU A 6 -3.31 6.83 1.99
N ARG A 7 -2.92 5.63 2.41
CA ARG A 7 -2.79 4.48 1.52
C ARG A 7 -3.91 3.50 1.80
N ILE A 8 -4.40 2.83 0.76
CA ILE A 8 -5.53 1.92 0.84
C ILE A 8 -5.15 0.64 0.13
N ASP A 9 -5.08 -0.47 0.87
CA ASP A 9 -4.73 -1.75 0.27
C ASP A 9 -5.99 -2.52 -0.15
N VAL A 10 -5.95 -3.05 -1.37
CA VAL A 10 -6.99 -3.92 -1.89
C VAL A 10 -6.31 -5.25 -2.22
N ASP A 11 -6.72 -6.31 -1.53
CA ASP A 11 -6.06 -7.60 -1.58
C ASP A 11 -6.98 -8.74 -2.00
N THR A 12 -8.28 -8.50 -2.11
CA THR A 12 -9.24 -9.54 -2.41
C THR A 12 -10.27 -9.03 -3.40
N LEU A 13 -11.03 -9.98 -3.94
CA LEU A 13 -12.11 -9.63 -4.86
C LEU A 13 -13.21 -8.85 -4.14
N ARG A 14 -13.53 -9.24 -2.89
CA ARG A 14 -14.63 -8.61 -2.17
C ARG A 14 -14.25 -7.20 -1.68
N GLY A 15 -12.98 -7.01 -1.31
CA GLY A 15 -12.51 -5.66 -1.03
C GLY A 15 -12.64 -4.73 -2.22
N THR A 16 -12.40 -5.27 -3.42
CA THR A 16 -12.48 -4.47 -4.64
C THR A 16 -13.92 -4.19 -5.03
N ARG A 17 -14.75 -5.23 -4.99
CA ARG A 17 -16.17 -5.11 -5.37
C ARG A 17 -16.93 -4.21 -4.39
N GLU A 18 -16.99 -4.60 -3.11
CA GLU A 18 -17.81 -3.91 -2.12
C GLU A 18 -17.05 -2.85 -1.32
N GLY A 19 -15.78 -3.07 -0.99
CA GLY A 19 -15.04 -2.11 -0.20
C GLY A 19 -14.74 -0.79 -0.90
N VAL A 20 -14.21 -0.90 -2.13
CA VAL A 20 -13.72 0.32 -2.82
C VAL A 20 -14.82 1.31 -3.12
N PRO A 21 -16.00 0.95 -3.65
CA PRO A 21 -17.01 1.98 -3.94
C PRO A 21 -17.51 2.68 -2.69
N ARG A 22 -17.65 1.94 -1.58
CA ARG A 22 -17.99 2.62 -0.34
C ARG A 22 -16.89 3.61 0.03
N LEU A 23 -15.62 3.20 -0.11
CA LEU A 23 -14.52 4.10 0.16
C LEU A 23 -14.54 5.31 -0.76
N LEU A 24 -14.95 5.11 -2.00
CA LEU A 24 -14.98 6.21 -2.97
C LEU A 24 -16.05 7.23 -2.57
N ALA A 25 -17.25 6.74 -2.24
CA ALA A 25 -18.30 7.63 -1.74
C ALA A 25 -17.84 8.38 -0.48
N THR A 26 -17.27 7.68 0.49
CA THR A 26 -16.82 8.35 1.70
C THR A 26 -15.76 9.41 1.39
N LEU A 27 -14.70 9.04 0.68
CA LEU A 27 -13.64 10.01 0.34
C LEU A 27 -14.18 11.17 -0.49
N HIS A 28 -15.15 10.93 -1.37
CA HIS A 28 -15.68 12.04 -2.17
C HIS A 28 -16.41 13.02 -1.26
N ARG A 29 -17.24 12.51 -0.34
CA ARG A 29 -17.96 13.40 0.56
C ARG A 29 -17.01 14.27 1.37
N HIS A 30 -15.91 13.69 1.86
CA HIS A 30 -15.02 14.39 2.79
C HIS A 30 -13.81 15.04 2.12
N GLY A 31 -13.84 15.20 0.80
CA GLY A 31 -12.84 15.99 0.09
C GLY A 31 -11.45 15.39 0.07
N VAL A 32 -11.32 14.11 0.37
CA VAL A 32 -10.04 13.46 0.57
C VAL A 32 -9.60 12.75 -0.71
N GLN A 33 -8.39 13.06 -1.14
CA GLN A 33 -7.70 12.31 -2.18
C GLN A 33 -6.75 11.33 -1.52
N ALA A 34 -6.74 10.07 -1.98
CA ALA A 34 -5.92 9.03 -1.36
C ALA A 34 -5.14 8.29 -2.43
N SER A 35 -4.53 7.18 -2.01
CA SER A 35 -3.68 6.33 -2.82
C SER A 35 -4.15 4.89 -2.68
N PHE A 36 -4.64 4.31 -3.77
CA PHE A 36 -5.11 2.93 -3.80
C PHE A 36 -4.07 2.02 -4.44
N PHE A 37 -3.88 0.83 -3.85
CA PHE A 37 -2.97 -0.18 -4.38
C PHE A 37 -3.78 -1.46 -4.57
N PHE A 38 -4.00 -1.84 -5.85
CA PHE A 38 -4.91 -2.91 -6.23
C PHE A 38 -4.15 -4.21 -6.47
N SER A 39 -4.65 -5.29 -5.90
CA SER A 39 -4.24 -6.63 -6.31
C SER A 39 -5.10 -7.02 -7.50
N VAL A 40 -4.47 -7.18 -8.67
CA VAL A 40 -5.24 -7.36 -9.89
C VAL A 40 -5.30 -8.80 -10.38
N GLY A 41 -4.45 -9.69 -9.86
CA GLY A 41 -4.42 -11.05 -10.36
C GLY A 41 -5.41 -11.95 -9.68
N PRO A 42 -4.99 -13.18 -9.38
CA PRO A 42 -5.91 -14.18 -8.79
C PRO A 42 -6.14 -13.95 -7.30
N ASP A 43 -7.40 -14.09 -6.88
CA ASP A 43 -7.79 -14.07 -5.47
C ASP A 43 -7.56 -15.47 -4.88
N ASN A 44 -6.30 -15.73 -4.50
CA ASN A 44 -5.94 -16.94 -3.78
C ASN A 44 -5.74 -16.68 -2.31
N MET A 45 -6.38 -15.63 -1.81
CA MET A 45 -6.24 -15.22 -0.43
C MET A 45 -6.75 -16.28 0.55
N GLY A 46 -7.60 -17.19 0.09
CA GLY A 46 -8.08 -18.28 0.92
C GLY A 46 -7.06 -19.37 1.21
N ARG A 47 -5.98 -19.47 0.45
CA ARG A 47 -5.04 -20.56 0.69
C ARG A 47 -4.34 -20.48 2.04
N HIS A 48 -4.61 -19.45 2.83
CA HIS A 48 -3.94 -19.32 4.11
C HIS A 48 -4.44 -20.30 5.16
N LEU A 49 -5.34 -21.22 4.81
CA LEU A 49 -5.90 -22.16 5.78
C LEU A 49 -5.12 -23.47 5.86
N ALA A 73 -16.50 -15.87 2.99
CA ALA A 73 -16.18 -15.78 1.57
C ALA A 73 -14.75 -16.22 1.27
N ALA A 74 -13.82 -15.95 2.20
CA ALA A 74 -12.43 -16.32 2.00
C ALA A 74 -12.25 -17.83 1.93
N LEU A 75 -13.21 -18.59 2.45
CA LEU A 75 -13.18 -20.04 2.31
C LEU A 75 -13.32 -20.48 0.86
N LEU A 76 -13.92 -19.64 0.01
CA LEU A 76 -14.00 -19.92 -1.42
C LEU A 76 -13.09 -19.00 -2.25
N ALA A 77 -11.98 -18.53 -1.67
CA ALA A 77 -11.07 -17.62 -2.36
C ALA A 77 -9.82 -18.37 -2.83
N GLY A 78 -10.00 -19.21 -3.85
CA GLY A 78 -8.91 -19.98 -4.38
C GLY A 78 -8.26 -20.92 -3.41
N THR A 79 -8.99 -21.40 -2.40
CA THR A 79 -8.39 -22.21 -1.35
C THR A 79 -7.74 -23.48 -1.91
N ALA A 80 -8.27 -24.04 -2.99
CA ALA A 80 -7.70 -25.26 -3.57
C ALA A 80 -7.99 -25.33 -5.06
N TRP A 81 -7.98 -24.17 -5.71
CA TRP A 81 -8.34 -24.03 -7.11
C TRP A 81 -7.90 -22.64 -7.53
N PRO A 82 -7.65 -22.42 -8.81
CA PRO A 82 -7.32 -21.06 -9.26
C PRO A 82 -8.41 -20.07 -8.88
N GLY A 83 -7.98 -18.91 -8.38
CA GLY A 83 -8.89 -17.86 -8.01
C GLY A 83 -9.24 -16.95 -9.17
N LYS A 84 -10.34 -16.23 -9.01
CA LYS A 84 -10.84 -15.35 -10.07
C LYS A 84 -9.97 -14.10 -10.16
N ASN A 85 -9.75 -13.65 -11.38
CA ASN A 85 -9.02 -12.41 -11.62
C ASN A 85 -9.76 -11.24 -10.99
N ILE A 86 -9.08 -10.54 -10.08
CA ILE A 86 -9.70 -9.41 -9.39
C ILE A 86 -9.88 -8.22 -10.34
N GLY A 87 -8.88 -7.97 -11.19
CA GLY A 87 -8.97 -6.82 -12.07
C GLY A 87 -9.89 -7.07 -13.26
N ASN A 88 -9.93 -8.31 -13.74
CA ASN A 88 -10.93 -8.67 -14.75
C ASN A 88 -12.34 -8.56 -14.20
N ALA A 89 -12.54 -8.98 -12.95
CA ALA A 89 -13.87 -8.89 -12.39
C ALA A 89 -14.22 -7.50 -11.88
N ASN A 90 -13.29 -6.53 -11.91
CA ASN A 90 -13.64 -5.22 -11.36
C ASN A 90 -13.08 -4.05 -12.16
N ALA A 91 -12.85 -4.23 -13.46
CA ALA A 91 -12.07 -3.26 -14.23
C ALA A 91 -12.72 -1.88 -14.29
N GLY A 92 -14.04 -1.79 -14.05
CA GLY A 92 -14.72 -0.50 -13.97
C GLY A 92 -14.55 0.24 -12.64
N ILE A 93 -14.50 -0.50 -11.53
CA ILE A 93 -14.24 0.15 -10.24
C ILE A 93 -12.83 0.71 -10.22
N ILE A 94 -11.86 -0.15 -10.58
CA ILE A 94 -10.45 0.23 -10.69
C ILE A 94 -10.29 1.44 -11.59
N ARG A 95 -10.83 1.33 -12.81
CA ARG A 95 -10.82 2.45 -13.74
C ARG A 95 -11.37 3.69 -13.05
N GLU A 96 -12.52 3.53 -12.40
CA GLU A 96 -13.16 4.69 -11.78
C GLU A 96 -12.30 5.25 -10.66
N THR A 97 -11.63 4.36 -9.91
CA THR A 97 -10.71 4.84 -8.88
C THR A 97 -9.62 5.70 -9.48
N ALA A 98 -8.97 5.21 -10.55
CA ALA A 98 -7.85 5.97 -11.08
C ALA A 98 -8.29 7.29 -11.69
N THR A 99 -9.60 7.59 -11.67
CA THR A 99 -10.07 8.87 -12.17
C THR A 99 -9.94 9.94 -11.12
N TYR A 100 -10.07 9.57 -9.84
CA TYR A 100 -10.08 10.53 -8.75
C TYR A 100 -8.97 10.36 -7.72
N HIS A 101 -8.14 9.32 -7.86
CA HIS A 101 -7.12 9.01 -6.88
C HIS A 101 -5.84 8.55 -7.60
N GLU A 102 -4.70 8.85 -6.98
CA GLU A 102 -3.46 8.18 -7.35
C GLU A 102 -3.66 6.68 -7.20
N THR A 103 -3.24 5.92 -8.21
CA THR A 103 -3.51 4.50 -8.28
C THR A 103 -2.22 3.75 -8.62
N GLY A 104 -2.02 2.60 -7.98
CA GLY A 104 -0.81 1.83 -8.15
C GLY A 104 -1.05 0.36 -7.89
N LEU A 105 0.03 -0.42 -8.00
CA LEU A 105 -0.07 -1.86 -8.09
C LEU A 105 0.31 -2.50 -6.76
N HIS A 106 -0.57 -3.33 -6.23
CA HIS A 106 -0.31 -4.01 -4.99
C HIS A 106 0.29 -5.39 -5.23
N ALA A 107 -0.34 -6.22 -6.05
CA ALA A 107 0.21 -7.54 -6.31
C ALA A 107 -0.43 -8.11 -7.58
N TRP A 108 0.12 -9.23 -8.05
CA TRP A 108 -0.61 -10.04 -9.02
C TRP A 108 -1.39 -11.08 -8.21
N ASP A 109 -0.68 -12.02 -7.59
CA ASP A 109 -1.27 -12.92 -6.61
C ASP A 109 -0.73 -12.49 -5.25
N HIS A 110 -1.57 -11.79 -4.48
CA HIS A 110 -1.16 -11.30 -3.17
C HIS A 110 -0.67 -12.43 -2.28
N HIS A 111 -1.46 -13.51 -2.21
CA HIS A 111 -1.05 -14.66 -1.42
C HIS A 111 0.31 -15.19 -1.87
N ALA A 112 0.49 -15.32 -3.19
CA ALA A 112 1.77 -15.81 -3.73
C ALA A 112 2.91 -14.92 -3.31
N TRP A 113 2.79 -13.60 -3.52
CA TRP A 113 3.91 -12.72 -3.15
C TRP A 113 4.26 -12.90 -1.69
N GLN A 114 3.29 -12.64 -0.79
CA GLN A 114 3.61 -12.65 0.63
C GLN A 114 4.04 -14.03 1.14
N THR A 115 3.75 -15.09 0.41
CA THR A 115 4.16 -16.43 0.84
C THR A 115 5.50 -16.88 0.27
N HIS A 116 5.83 -16.51 -0.97
CA HIS A 116 7.01 -17.08 -1.61
C HIS A 116 8.01 -16.08 -2.18
N SER A 117 7.73 -14.77 -2.12
CA SER A 117 8.61 -13.82 -2.78
C SER A 117 10.01 -13.82 -2.17
N GLY A 118 10.12 -14.12 -0.87
CA GLY A 118 11.42 -14.12 -0.20
C GLY A 118 12.36 -15.19 -0.69
N HIS A 119 11.86 -16.20 -1.40
CA HIS A 119 12.66 -17.25 -2.00
C HIS A 119 12.84 -17.07 -3.50
N TRP A 120 12.12 -16.11 -4.09
CA TRP A 120 12.12 -15.90 -5.52
C TRP A 120 13.38 -15.18 -5.99
N SER A 121 13.86 -15.58 -7.16
CA SER A 121 14.96 -14.88 -7.79
C SER A 121 14.57 -13.45 -8.15
N ILE A 122 15.58 -12.62 -8.41
CA ILE A 122 15.34 -11.24 -8.82
C ILE A 122 14.65 -11.20 -10.17
N ARG A 123 14.93 -12.18 -11.03
CA ARG A 123 14.15 -12.33 -12.25
C ARG A 123 12.68 -12.60 -11.94
N GLN A 124 12.40 -13.48 -10.97
CA GLN A 124 11.02 -13.84 -10.67
C GLN A 124 10.24 -12.67 -10.07
N LEU A 125 10.90 -11.84 -9.26
CA LEU A 125 10.25 -10.63 -8.78
C LEU A 125 9.98 -9.68 -9.93
N GLU A 126 10.96 -9.53 -10.82
CA GLU A 126 10.76 -8.67 -11.99
C GLU A 126 9.57 -9.12 -12.81
N GLU A 127 9.47 -10.43 -13.04
CA GLU A 127 8.41 -10.97 -13.88
C GLU A 127 7.05 -10.80 -13.21
N ASP A 128 7.00 -10.95 -11.90
CA ASP A 128 5.71 -10.77 -11.24
C ASP A 128 5.26 -9.31 -11.29
N ILE A 129 6.19 -8.37 -11.05
CA ILE A 129 5.83 -6.96 -11.13
C ILE A 129 5.38 -6.60 -12.54
N ALA A 130 6.04 -7.19 -13.55
CA ALA A 130 5.60 -7.01 -14.93
C ALA A 130 4.15 -7.45 -15.11
N ARG A 131 3.86 -8.70 -14.72
CA ARG A 131 2.51 -9.22 -14.91
C ARG A 131 1.48 -8.29 -14.29
N GLY A 132 1.72 -7.88 -13.04
CA GLY A 132 0.80 -6.98 -12.37
C GLY A 132 0.65 -5.63 -13.05
N ILE A 133 1.78 -4.98 -13.37
CA ILE A 133 1.77 -3.65 -13.99
C ILE A 133 1.05 -3.70 -15.33
N THR A 134 1.25 -4.77 -16.09
CA THR A 134 0.54 -4.88 -17.36
C THR A 134 -0.95 -5.00 -17.13
N ALA A 135 -1.37 -5.88 -16.20
CA ALA A 135 -2.82 -6.02 -15.97
C ALA A 135 -3.45 -4.69 -15.56
N LEU A 136 -2.76 -3.95 -14.67
CA LEU A 136 -3.31 -2.69 -14.17
C LEU A 136 -3.37 -1.64 -15.28
N GLU A 137 -2.34 -1.56 -16.13
CA GLU A 137 -2.38 -0.62 -17.24
C GLU A 137 -3.39 -1.04 -18.31
N ALA A 138 -3.62 -2.35 -18.45
CA ALA A 138 -4.69 -2.81 -19.34
C ALA A 138 -6.04 -2.32 -18.87
N ILE A 139 -6.24 -2.29 -17.55
CA ILE A 139 -7.55 -1.83 -17.04
C ILE A 139 -7.66 -0.31 -17.13
N ILE A 140 -6.63 0.42 -16.73
CA ILE A 140 -6.85 1.85 -16.60
C ILE A 140 -6.35 2.64 -17.81
N GLY A 141 -5.48 2.05 -18.63
CA GLY A 141 -5.07 2.74 -19.81
C GLY A 141 -4.20 3.95 -19.61
N LYS A 142 -3.38 3.95 -18.56
CA LYS A 142 -2.35 4.98 -18.42
C LYS A 142 -1.19 4.39 -17.64
N PRO A 143 0.00 4.99 -17.74
CA PRO A 143 1.16 4.48 -17.00
C PRO A 143 0.92 4.37 -15.50
N VAL A 144 1.36 3.25 -14.94
CA VAL A 144 1.40 3.05 -13.50
C VAL A 144 2.69 3.65 -12.95
N THR A 145 2.56 4.50 -11.94
CA THR A 145 3.68 5.27 -11.40
C THR A 145 4.07 4.88 -9.98
N CYS A 146 3.40 3.92 -9.35
CA CYS A 146 3.79 3.49 -8.02
C CYS A 146 3.29 2.07 -7.78
N SER A 147 3.85 1.45 -6.74
CA SER A 147 3.54 0.07 -6.39
C SER A 147 3.79 -0.13 -4.90
N ALA A 148 3.41 -1.31 -4.41
CA ALA A 148 3.59 -1.62 -2.99
C ALA A 148 3.61 -3.12 -2.81
N ALA A 149 4.66 -3.66 -2.19
CA ALA A 149 4.75 -5.10 -2.03
C ALA A 149 3.69 -5.62 -1.06
N ALA A 150 3.02 -6.71 -1.44
CA ALA A 150 2.07 -7.36 -0.56
C ALA A 150 2.68 -7.62 0.81
N GLY A 151 1.89 -7.34 1.86
CA GLY A 151 2.28 -7.63 3.22
C GLY A 151 3.55 -6.94 3.68
N TRP A 152 4.07 -6.02 2.87
CA TRP A 152 5.38 -5.40 3.06
C TRP A 152 6.52 -6.43 2.91
N ARG A 153 6.28 -7.51 2.16
CA ARG A 153 7.28 -8.58 1.99
C ARG A 153 8.31 -8.22 0.92
N ALA A 154 9.14 -7.23 1.27
CA ALA A 154 10.14 -6.65 0.38
C ALA A 154 11.47 -6.46 1.13
N ASP A 155 12.54 -6.32 0.36
CA ASP A 155 13.88 -6.00 0.88
C ASP A 155 14.70 -5.39 -0.24
N GLY A 156 16.02 -5.62 -0.24
CA GLY A 156 16.87 -5.02 -1.25
C GLY A 156 16.69 -5.63 -2.63
N ARG A 157 16.53 -6.96 -2.67
CA ARG A 157 16.26 -7.63 -3.93
C ARG A 157 15.02 -7.07 -4.60
N VAL A 158 13.95 -6.83 -3.82
CA VAL A 158 12.75 -6.24 -4.41
C VAL A 158 13.05 -4.83 -4.92
N VAL A 159 13.93 -4.09 -4.23
CA VAL A 159 14.34 -2.78 -4.74
C VAL A 159 14.99 -2.92 -6.11
N ARG A 160 15.91 -3.88 -6.28
CA ARG A 160 16.58 -4.05 -7.58
C ARG A 160 15.57 -4.43 -8.66
N ALA A 161 14.65 -5.34 -8.32
CA ALA A 161 13.65 -5.78 -9.28
C ALA A 161 12.74 -4.62 -9.69
N LYS A 162 12.44 -3.73 -8.77
CA LYS A 162 11.53 -2.63 -9.09
C LYS A 162 12.23 -1.52 -9.82
N GLU A 163 13.56 -1.50 -9.79
CA GLU A 163 14.31 -0.47 -10.52
C GLU A 163 14.15 -0.59 -12.04
N SER A 164 13.81 -1.78 -12.56
CA SER A 164 13.56 -1.97 -13.99
C SER A 164 12.41 -1.10 -14.50
N PHE A 165 11.38 -0.89 -13.69
CA PHE A 165 10.17 -0.24 -14.16
C PHE A 165 10.19 1.27 -13.97
N ASN A 166 11.20 1.78 -13.27
CA ASN A 166 11.41 3.20 -12.99
C ASN A 166 10.10 3.93 -12.70
N LEU A 167 9.50 3.58 -11.56
CA LEU A 167 8.25 4.19 -11.10
C LEU A 167 8.54 5.52 -10.41
N ARG A 168 7.50 6.31 -10.18
CA ARG A 168 7.69 7.56 -9.46
C ARG A 168 8.15 7.28 -8.03
N TYR A 169 7.42 6.41 -7.32
CA TYR A 169 7.84 5.98 -5.99
C TYR A 169 7.34 4.56 -5.75
N ASN A 170 7.76 4.02 -4.62
CA ASN A 170 7.29 2.72 -4.18
C ASN A 170 7.09 2.76 -2.67
N SER A 171 6.22 1.89 -2.18
CA SER A 171 5.86 1.82 -0.77
C SER A 171 5.91 0.36 -0.31
N ASP A 172 7.15 -0.10 -0.08
CA ASP A 172 7.44 -1.52 0.10
C ASP A 172 7.81 -1.88 1.52
N CYS A 173 7.82 -0.92 2.44
CA CYS A 173 8.41 -1.13 3.76
C CYS A 173 7.78 -0.21 4.78
N ARG A 174 7.98 -0.54 6.06
CA ARG A 174 7.59 0.32 7.17
C ARG A 174 8.82 1.09 7.62
N GLY A 175 8.67 2.39 7.83
CA GLY A 175 9.77 3.22 8.26
C GLY A 175 9.28 4.49 8.92
N THR A 176 10.01 5.57 8.71
CA THR A 176 9.71 6.82 9.39
C THR A 176 9.51 8.00 8.46
N THR A 177 10.09 7.96 7.26
CA THR A 177 10.02 9.10 6.35
C THR A 177 10.55 8.66 5.00
N LEU A 178 10.14 9.39 3.96
CA LEU A 178 10.56 9.09 2.60
C LEU A 178 12.08 9.14 2.47
N PHE A 179 12.59 8.39 1.50
CA PHE A 179 14.02 8.13 1.35
C PHE A 179 14.25 7.44 0.02
N ARG A 180 15.44 7.72 -0.60
CA ARG A 180 15.96 7.00 -1.75
C ARG A 180 16.77 5.81 -1.28
N PRO A 181 16.45 4.60 -1.73
CA PRO A 181 17.28 3.45 -1.37
C PRO A 181 18.64 3.51 -2.06
N LEU A 182 19.67 3.08 -1.34
CA LEU A 182 21.03 3.05 -1.86
C LEU A 182 21.29 1.67 -2.44
N LEU A 183 21.58 1.63 -3.75
CA LEU A 183 21.72 0.35 -4.44
C LEU A 183 23.13 -0.17 -4.37
N MET A 184 24.08 0.76 -4.21
CA MET A 184 25.52 0.59 -4.28
C MET A 184 26.07 2.00 -4.18
N PRO A 185 27.31 2.18 -3.74
CA PRO A 185 27.82 3.55 -3.53
C PRO A 185 27.73 4.39 -4.79
N GLY A 186 27.17 5.59 -4.66
CA GLY A 186 27.04 6.55 -5.74
C GLY A 186 25.74 6.47 -6.51
N GLN A 187 25.00 5.38 -6.36
CA GLN A 187 23.78 5.12 -7.12
C GLN A 187 22.62 4.91 -6.15
N THR A 188 21.54 5.69 -6.33
CA THR A 188 20.32 5.51 -5.53
C THR A 188 19.11 5.21 -6.41
N GLY A 189 18.17 4.46 -5.82
CA GLY A 189 17.04 3.92 -6.55
C GLY A 189 15.80 4.77 -6.48
N THR A 190 14.69 4.18 -6.93
CA THR A 190 13.43 4.89 -7.01
C THR A 190 12.91 5.19 -5.60
N PRO A 191 12.43 6.41 -5.33
CA PRO A 191 12.14 6.82 -3.95
C PRO A 191 11.13 5.91 -3.25
N GLN A 192 11.29 5.80 -1.94
CA GLN A 192 10.54 4.89 -1.08
C GLN A 192 9.63 5.67 -0.16
N ILE A 193 8.33 5.37 -0.17
CA ILE A 193 7.42 6.11 0.70
C ILE A 193 6.91 5.16 1.78
N PRO A 194 7.58 5.11 2.94
CA PRO A 194 7.24 4.12 3.97
C PRO A 194 5.93 4.43 4.68
N VAL A 195 5.33 3.36 5.18
CA VAL A 195 4.23 3.47 6.13
C VAL A 195 4.83 3.63 7.52
N THR A 196 4.51 4.74 8.18
CA THR A 196 5.12 5.09 9.45
C THR A 196 4.30 4.68 10.66
N LEU A 197 2.93 4.54 10.53
CA LEU A 197 1.92 4.29 11.55
C LEU A 197 1.49 2.83 11.55
N PRO A 198 1.22 2.24 12.71
CA PRO A 198 0.67 0.88 12.74
C PRO A 198 -0.75 0.87 12.19
N THR A 199 -1.21 -0.32 11.83
CA THR A 199 -2.54 -0.53 11.26
C THR A 199 -3.53 -0.96 12.32
N TRP A 200 -4.81 -0.93 11.95
CA TRP A 200 -5.87 -1.42 12.81
C TRP A 200 -5.53 -2.80 13.38
N ASP A 201 -5.38 -3.80 12.50
CA ASP A 201 -5.24 -5.19 12.91
C ASP A 201 -4.00 -5.45 13.75
N GLU A 202 -3.10 -4.49 13.88
CA GLU A 202 -1.95 -4.64 14.76
C GLU A 202 -2.18 -4.10 16.15
N VAL A 203 -3.21 -3.27 16.32
CA VAL A 203 -3.46 -2.64 17.61
C VAL A 203 -4.71 -3.19 18.28
N ALA A 204 -5.75 -3.51 17.52
CA ALA A 204 -7.00 -4.01 18.11
C ALA A 204 -6.85 -5.46 18.54
N GLN A 209 -8.62 -0.20 22.28
CA GLN A 209 -10.01 -0.54 22.02
C GLN A 209 -10.55 0.21 20.82
N ALA A 210 -11.53 -0.40 20.13
CA ALA A 210 -11.93 0.07 18.81
C ALA A 210 -12.35 1.54 18.82
N GLN A 211 -13.16 1.95 19.81
CA GLN A 211 -13.59 3.35 19.86
C GLN A 211 -12.46 4.28 20.28
N SER A 212 -11.40 3.76 20.89
CA SER A 212 -10.24 4.55 21.24
C SER A 212 -9.19 4.57 20.15
N PHE A 213 -9.24 3.61 19.21
CA PHE A 213 -8.19 3.52 18.19
C PHE A 213 -8.13 4.79 17.36
N ASN A 214 -9.27 5.39 17.02
CA ASN A 214 -9.23 6.61 16.25
C ASN A 214 -8.48 7.71 17.01
N THR A 215 -8.77 7.87 18.29
CA THR A 215 -8.13 8.90 19.10
C THR A 215 -6.63 8.65 19.24
N TRP A 216 -6.26 7.38 19.40
CA TRP A 216 -4.84 7.02 19.50
C TRP A 216 -4.11 7.23 18.18
N ILE A 217 -4.69 6.79 17.06
CA ILE A 217 -4.02 6.97 15.78
C ILE A 217 -3.92 8.44 15.43
N ILE A 218 -4.89 9.26 15.83
CA ILE A 218 -4.75 10.68 15.55
C ILE A 218 -3.61 11.27 16.37
N SER A 219 -3.50 10.87 17.65
CA SER A 219 -2.34 11.28 18.44
C SER A 219 -1.03 10.91 17.74
N ARG A 220 -0.90 9.63 17.36
CA ARG A 220 0.30 9.16 16.65
C ARG A 220 0.52 9.92 15.34
N MET A 221 -0.54 10.34 14.66
CA MET A 221 -0.32 11.07 13.42
C MET A 221 0.22 12.45 13.69
N LEU A 222 -0.21 13.07 14.78
CA LEU A 222 0.22 14.42 15.09
C LEU A 222 1.59 14.48 15.75
N GLN A 223 2.07 13.41 16.36
CA GLN A 223 3.38 13.44 17.01
C GLN A 223 4.47 12.73 16.22
N ASP A 224 4.19 12.32 14.98
CA ASP A 224 5.22 11.67 14.17
C ASP A 224 6.35 12.66 13.90
N LYS A 225 7.58 12.21 14.10
CA LYS A 225 8.73 13.06 13.83
C LYS A 225 9.15 13.05 12.37
N GLY A 226 8.50 12.23 11.54
CA GLY A 226 8.93 12.02 10.17
C GLY A 226 7.99 12.59 9.14
N THR A 227 7.51 11.72 8.24
CA THR A 227 6.40 12.02 7.33
C THR A 227 5.32 10.96 7.57
N PRO A 228 4.27 11.27 8.31
CA PRO A 228 3.31 10.21 8.66
C PRO A 228 2.53 9.73 7.45
N VAL A 229 2.61 8.42 7.19
CA VAL A 229 1.85 7.74 6.16
C VAL A 229 1.03 6.64 6.83
N TYR A 230 -0.30 6.74 6.74
CA TYR A 230 -1.24 5.76 7.29
C TYR A 230 -1.73 4.84 6.19
N THR A 231 -1.92 3.57 6.53
CA THR A 231 -2.41 2.52 5.64
C THR A 231 -3.71 1.92 6.19
N ILE A 232 -4.76 1.88 5.35
CA ILE A 232 -5.99 1.14 5.66
C ILE A 232 -6.16 0.00 4.66
N HIS A 233 -7.24 -0.77 4.79
CA HIS A 233 -7.52 -1.90 3.93
C HIS A 233 -8.96 -1.87 3.46
N ALA A 234 -9.19 -1.95 2.15
CA ALA A 234 -10.53 -1.84 1.61
C ALA A 234 -11.44 -2.96 2.10
N GLU A 235 -10.86 -4.06 2.60
CA GLU A 235 -11.65 -5.13 3.18
C GLU A 235 -12.14 -4.79 4.58
N VAL A 236 -11.53 -3.82 5.25
CA VAL A 236 -11.84 -3.49 6.62
C VAL A 236 -12.52 -2.12 6.67
N GLU A 237 -11.74 -1.06 6.41
CA GLU A 237 -12.28 0.29 6.46
C GLU A 237 -13.29 0.57 5.36
N GLY A 238 -13.39 -0.31 4.36
CA GLY A 238 -14.37 -0.10 3.29
C GLY A 238 -15.67 -0.89 3.49
N ILE A 239 -15.62 -1.87 4.37
CA ILE A 239 -16.78 -2.71 4.62
C ILE A 239 -17.20 -2.54 6.09
N VAL A 240 -16.72 -3.46 6.94
CA VAL A 240 -17.20 -3.54 8.32
C VAL A 240 -16.97 -2.23 9.06
N HIS A 241 -15.72 -1.75 9.06
CA HIS A 241 -15.37 -0.59 9.86
C HIS A 241 -15.46 0.71 9.08
N GLN A 242 -16.32 0.76 8.08
CA GLN A 242 -16.52 2.02 7.37
C GLN A 242 -17.03 3.13 8.29
N PRO A 243 -18.04 2.93 9.14
CA PRO A 243 -18.42 4.02 10.05
C PRO A 243 -17.25 4.49 10.92
N LEU A 244 -16.42 3.55 11.40
CA LEU A 244 -15.24 3.94 12.14
C LEU A 244 -14.30 4.81 11.31
N PHE A 245 -13.97 4.36 10.09
CA PHE A 245 -13.04 5.13 9.27
C PHE A 245 -13.61 6.50 8.90
N GLU A 246 -14.94 6.59 8.72
CA GLU A 246 -15.55 7.88 8.43
C GLU A 246 -15.49 8.79 9.65
N ASP A 247 -15.55 8.20 10.84
CA ASP A 247 -15.30 8.97 12.06
C ASP A 247 -13.86 9.48 12.09
N LEU A 248 -12.91 8.62 11.73
CA LEU A 248 -11.50 9.01 11.69
C LEU A 248 -11.30 10.18 10.71
N LEU A 249 -12.00 10.14 9.58
CA LEU A 249 -11.97 11.27 8.65
C LEU A 249 -12.41 12.57 9.33
N VAL A 250 -13.57 12.52 10.01
CA VAL A 250 -14.13 13.73 10.62
C VAL A 250 -13.19 14.30 11.68
N ARG A 251 -12.77 13.45 12.63
CA ARG A 251 -11.90 13.88 13.73
C ARG A 251 -10.55 14.38 13.22
N ALA A 252 -9.99 13.72 12.20
CA ALA A 252 -8.72 14.19 11.66
C ALA A 252 -8.87 15.57 11.04
N ARG A 253 -9.93 15.80 10.25
CA ARG A 253 -10.18 17.17 9.81
C ARG A 253 -10.15 18.14 10.98
N ASP A 254 -10.76 17.76 12.12
CA ASP A 254 -10.79 18.72 13.21
C ASP A 254 -9.49 18.80 13.99
N ALA A 255 -8.76 17.70 14.14
CA ALA A 255 -7.50 17.79 14.87
C ALA A 255 -6.38 18.37 14.03
N GLY A 256 -6.65 18.91 12.84
CA GLY A 256 -5.66 19.57 12.02
C GLY A 256 -5.00 18.72 10.96
N ILE A 257 -5.52 17.54 10.66
CA ILE A 257 -4.91 16.59 9.73
C ILE A 257 -5.58 16.74 8.37
N THR A 258 -4.79 16.61 7.30
CA THR A 258 -5.36 16.44 5.96
C THR A 258 -4.71 15.23 5.29
N PHE A 259 -5.53 14.29 4.85
CA PHE A 259 -5.08 13.11 4.14
C PHE A 259 -4.93 13.40 2.65
N CYS A 260 -3.81 13.01 2.08
CA CYS A 260 -3.46 13.17 0.67
C CYS A 260 -2.88 11.87 0.16
N PRO A 261 -2.82 11.69 -1.16
CA PRO A 261 -2.08 10.54 -1.69
C PRO A 261 -0.59 10.66 -1.38
N LEU A 262 0.05 9.49 -1.20
CA LEU A 262 1.45 9.47 -0.78
C LEU A 262 2.35 10.25 -1.73
N GLY A 263 2.15 10.09 -3.04
CA GLY A 263 2.99 10.76 -4.01
C GLY A 263 3.03 12.27 -3.82
N GLU A 264 1.96 12.85 -3.26
CA GLU A 264 1.92 14.29 -2.97
C GLU A 264 3.00 14.71 -2.00
N LEU A 265 3.54 13.78 -1.23
CA LEU A 265 4.56 14.06 -0.23
C LEU A 265 5.96 14.11 -0.82
N LEU A 266 6.12 13.79 -2.12
CA LEU A 266 7.47 13.96 -2.69
C LEU A 266 7.74 15.42 -3.00
N PRO A 267 8.95 15.89 -2.70
CA PRO A 267 9.39 17.20 -3.19
C PRO A 267 9.76 17.15 -4.68
N ALA A 268 10.02 18.33 -5.25
CA ALA A 268 10.32 18.42 -6.67
C ALA A 268 11.61 17.68 -7.01
N SER A 269 12.60 17.75 -6.12
CA SER A 269 13.89 17.11 -6.36
C SER A 269 14.03 15.90 -5.45
N PRO A 270 14.05 14.67 -6.00
CA PRO A 270 14.36 13.51 -5.16
C PRO A 270 15.70 13.59 -4.48
N GLU A 271 16.52 14.59 -4.83
CA GLU A 271 17.81 14.81 -4.19
C GLU A 271 17.65 15.16 -2.71
N SER A 272 16.57 15.86 -2.35
CA SER A 272 16.34 16.26 -0.96
C SER A 272 16.12 15.06 -0.04
N LEU A 273 15.69 13.94 -0.58
CA LEU A 273 15.34 12.77 0.22
C LEU A 273 16.61 12.11 0.77
N PRO A 274 16.55 11.61 1.99
CA PRO A 274 17.75 11.02 2.61
C PRO A 274 17.98 9.60 2.13
N LEU A 275 19.22 9.15 2.29
CA LEU A 275 19.59 7.80 1.89
C LEU A 275 19.13 6.80 2.95
N GLY A 276 18.67 5.65 2.48
CA GLY A 276 18.32 4.56 3.37
C GLY A 276 18.36 3.24 2.64
N GLN A 277 18.02 2.17 3.36
CA GLN A 277 17.91 0.84 2.77
C GLN A 277 16.62 0.19 3.25
N ILE A 278 16.31 -0.99 2.71
CA ILE A 278 15.22 -1.83 3.21
C ILE A 278 15.81 -3.16 3.65
N VAL A 279 15.62 -3.50 4.92
CA VAL A 279 16.17 -4.74 5.46
C VAL A 279 15.02 -5.58 6.03
N ARG A 280 15.26 -6.88 6.14
CA ARG A 280 14.27 -7.78 6.74
C ARG A 280 14.21 -7.55 8.24
N GLY A 281 13.08 -7.03 8.73
CA GLY A 281 12.88 -6.80 10.14
C GLY A 281 11.53 -7.31 10.64
N HIS A 282 11.22 -7.05 11.91
CA HIS A 282 9.98 -7.51 12.51
C HIS A 282 9.25 -6.34 13.17
N ILE A 283 7.93 -6.43 13.18
CA ILE A 283 7.12 -5.36 13.75
C ILE A 283 6.09 -5.98 14.69
N PRO A 284 5.79 -5.34 15.83
CA PRO A 284 4.77 -5.89 16.74
C PRO A 284 3.38 -5.84 16.11
N GLY A 285 2.69 -6.97 16.17
CA GLY A 285 1.36 -7.07 15.60
C GLY A 285 1.32 -7.79 14.27
N ARG A 286 2.47 -8.05 13.65
CA ARG A 286 2.55 -8.82 12.42
C ARG A 286 3.38 -10.08 12.68
N GLU A 287 2.84 -11.23 12.29
CA GLU A 287 3.55 -12.51 12.39
C GLU A 287 4.31 -12.73 11.09
N GLY A 288 5.63 -12.56 11.15
CA GLY A 288 6.48 -12.67 9.98
C GLY A 288 7.46 -11.50 9.88
N TRP A 289 8.45 -11.68 9.00
CA TRP A 289 9.32 -10.55 8.71
C TRP A 289 8.67 -9.67 7.65
N LEU A 290 9.19 -8.46 7.53
CA LEU A 290 8.71 -7.50 6.54
C LEU A 290 9.83 -6.49 6.28
N GLY A 291 9.61 -5.64 5.28
CA GLY A 291 10.60 -4.63 4.93
C GLY A 291 10.61 -3.50 5.94
N CYS A 292 11.81 -3.15 6.40
CA CYS A 292 12.04 -2.12 7.42
C CYS A 292 13.10 -1.14 6.94
N GLN A 293 12.69 0.12 6.75
CA GLN A 293 13.63 1.20 6.45
C GLN A 293 14.80 1.16 7.40
N GLN A 294 15.96 1.57 6.92
CA GLN A 294 17.15 1.68 7.74
C GLN A 294 17.99 2.81 7.21
N ALA A 295 18.94 3.26 8.02
CA ALA A 295 19.90 4.26 7.58
C ALA A 295 21.14 3.56 7.01
N VAL A 296 22.25 4.26 6.78
CA VAL A 296 23.34 3.68 5.99
C VAL A 296 24.53 3.26 6.86
N SER A 297 25.62 2.80 6.24
CA SER A 297 26.75 2.09 6.88
C SER A 297 27.89 2.92 7.43
#